data_6R3N
#
_entry.id   6R3N
#
_cell.length_a   95.874
_cell.length_b   63.892
_cell.length_c   87.714
_cell.angle_alpha   90.00
_cell.angle_beta   90.00
_cell.angle_gamma   90.00
#
_symmetry.space_group_name_H-M   'P 21 21 2'
#
loop_
_entity.id
_entity.type
_entity.pdbx_description
1 polymer 'Ferulic acid decarboxylase 1'
2 non-polymer 'prFMN cofactor and butynoic acid adduct'
3 non-polymer 'hydroxylated prenyl-FMN'
4 non-polymer 'MANGANESE (II) ION'
5 non-polymer 'POTASSIUM ION'
6 water water
#
_entity_poly.entity_id   1
_entity_poly.type   'polypeptide(L)'
_entity_poly.pdbx_seq_one_letter_code
;MSAQPAHLCFRSFVEALKVDNDLVEINTPIDPNLEAAAITRRVCETNDKAPLFNNLIGMKNGLFRILGAPGSLRKSSADR
YGRLARHLALPPTASMREILDKMLSASDMPPIPPTIVPTGPCKENSLDDSEFDLTELPVPLIHKSDGGKYIQTYGMHIVQ
SPDGTWTNWSIARAMVHDKNHLTGLVIPPQHIWQIHQMWKKEGRSDVPWALAFGVPPAAIMASSMPIPDGVTEAGYVGAM
TGSSLELVKCDTNDLYVPATSEIVLEGTLSISETGPEGPFGEMHGYIFPGDTHLGAKYKVNRITYRNNAIMPMSSCGRLT
DETHTMIGSLAAAEIRKLCQQNDLPITDAFAPFESQVTWVALRVDTEKLRAMKTTSEGFRKRVGDVVFNHKAGYTIHRLV
LVGDDIDVYEGKDVLWAFSTRCRPGMDETLFEDVRGFPLIPYMGHGNGPAHRGGKVVSDALMPTEYTTGRNWEAADFNQS
YPEDLKQKVLDNWTKMGFSNLEHHHHHH
;
_entity_poly.pdbx_strand_id   A
#
# COMPACT_ATOMS: atom_id res chain seq x y z
N GLN A 4 20.35 7.67 -12.63
CA GLN A 4 18.84 7.75 -12.63
C GLN A 4 18.42 8.13 -11.23
N PRO A 5 17.41 9.03 -11.12
CA PRO A 5 16.91 9.37 -9.81
C PRO A 5 16.31 8.23 -9.03
N ALA A 6 16.38 8.33 -7.71
CA ALA A 6 15.85 7.28 -6.83
C ALA A 6 14.39 6.94 -7.02
N HIS A 7 13.54 7.94 -7.31
CA HIS A 7 12.14 7.68 -7.49
C HIS A 7 11.80 7.02 -8.82
N LEU A 8 12.76 7.04 -9.76
CA LEU A 8 12.58 6.51 -11.10
C LEU A 8 13.37 5.22 -11.36
N CYS A 9 14.10 4.73 -10.40
CA CYS A 9 14.96 3.58 -10.61
C CYS A 9 15.21 2.90 -9.27
N PHE A 10 14.77 1.64 -9.15
CA PHE A 10 14.90 0.93 -7.90
C PHE A 10 16.34 0.80 -7.45
N ARG A 11 17.27 0.56 -8.37
CA ARG A 11 18.64 0.43 -7.97
C ARG A 11 19.15 1.70 -7.32
N SER A 12 18.76 2.84 -7.85
CA SER A 12 19.08 4.14 -7.26
C SER A 12 18.44 4.33 -5.94
N PHE A 13 17.20 3.88 -5.77
CA PHE A 13 16.50 3.89 -4.49
C PHE A 13 17.27 3.13 -3.42
N VAL A 14 17.78 1.96 -3.74
CA VAL A 14 18.59 1.21 -2.77
C VAL A 14 19.79 2.05 -2.34
N GLU A 15 20.46 2.70 -3.31
N GLU A 15 20.46 2.66 -3.29
CA GLU A 15 21.59 3.59 -2.99
CA GLU A 15 21.57 3.50 -3.00
C GLU A 15 21.18 4.71 -2.09
C GLU A 15 21.20 4.72 -2.14
N ALA A 16 20.01 5.28 -2.35
CA ALA A 16 19.51 6.34 -1.51
C ALA A 16 19.31 5.88 -0.09
N LEU A 17 18.73 4.71 0.15
CA LEU A 17 18.59 4.21 1.47
C LEU A 17 19.96 4.04 2.13
N LYS A 18 20.96 3.57 1.42
N LYS A 18 20.94 3.56 1.37
CA LYS A 18 22.32 3.50 2.00
CA LYS A 18 22.32 3.43 1.85
C LYS A 18 22.81 4.88 2.44
C LYS A 18 22.87 4.81 2.30
N VAL A 19 22.74 5.80 1.49
N VAL A 19 22.70 5.84 1.50
CA VAL A 19 23.23 7.12 1.78
CA VAL A 19 23.33 7.12 1.89
C VAL A 19 22.54 7.76 2.96
C VAL A 19 22.51 7.87 2.96
N ASP A 20 21.24 7.46 3.14
CA ASP A 20 20.45 7.93 4.27
C ASP A 20 20.79 7.22 5.59
N ASN A 21 21.74 6.27 5.59
CA ASN A 21 21.98 5.48 6.77
C ASN A 21 20.69 4.78 7.20
N ASP A 22 19.97 4.25 6.19
CA ASP A 22 18.68 3.57 6.41
C ASP A 22 18.70 2.17 5.83
N LEU A 23 19.87 1.59 5.70
N LEU A 23 19.85 1.56 5.79
CA LEU A 23 20.07 0.27 5.08
CA LEU A 23 19.96 0.25 5.19
C LEU A 23 21.09 -0.50 5.89
C LEU A 23 21.10 -0.51 5.80
N VAL A 24 20.86 -1.79 6.08
CA VAL A 24 21.88 -2.72 6.57
C VAL A 24 22.12 -3.75 5.53
N GLU A 25 23.36 -3.80 5.02
CA GLU A 25 23.74 -4.79 4.02
C GLU A 25 24.23 -6.02 4.78
N ILE A 26 23.68 -7.15 4.45
N ILE A 26 23.61 -7.16 4.53
CA ILE A 26 24.02 -8.36 5.10
CA ILE A 26 23.99 -8.44 5.12
C ILE A 26 24.66 -9.23 4.01
C ILE A 26 24.67 -9.26 4.01
N ASN A 27 25.98 -9.43 4.15
CA ASN A 27 26.79 -10.04 3.07
C ASN A 27 27.17 -11.51 3.37
N THR A 28 26.76 -12.01 4.52
CA THR A 28 26.92 -13.41 4.91
C THR A 28 25.71 -14.21 4.46
N PRO A 29 25.77 -15.53 4.38
CA PRO A 29 24.62 -16.27 3.83
C PRO A 29 23.42 -16.18 4.70
N ILE A 30 22.27 -15.88 4.08
CA ILE A 30 21.00 -15.78 4.75
C ILE A 30 20.01 -16.72 4.03
N ASP A 31 19.22 -17.46 4.78
CA ASP A 31 18.30 -18.45 4.20
C ASP A 31 17.02 -17.79 3.74
N PRO A 32 16.60 -17.94 2.49
CA PRO A 32 15.28 -17.47 2.10
C PRO A 32 14.15 -18.23 2.74
N ASN A 33 14.44 -19.44 3.27
CA ASN A 33 13.45 -20.17 4.06
C ASN A 33 13.39 -19.54 5.45
N LEU A 34 12.43 -18.63 5.61
CA LEU A 34 12.12 -17.92 6.86
C LEU A 34 13.11 -16.92 7.38
N GLU A 35 14.42 -17.13 7.26
CA GLU A 35 15.38 -16.26 7.96
C GLU A 35 15.33 -14.81 7.41
N ALA A 36 15.33 -14.64 6.08
CA ALA A 36 15.29 -13.29 5.53
C ALA A 36 14.02 -12.57 6.01
N ALA A 37 12.89 -13.28 5.95
CA ALA A 37 11.61 -12.69 6.34
C ALA A 37 11.53 -12.45 7.85
N ALA A 38 12.18 -13.26 8.66
CA ALA A 38 12.17 -13.07 10.12
C ALA A 38 12.92 -11.80 10.47
N ILE A 39 14.10 -11.63 9.86
CA ILE A 39 14.86 -10.42 10.05
C ILE A 39 14.03 -9.23 9.63
N THR A 40 13.42 -9.31 8.44
CA THR A 40 12.59 -8.21 7.95
C THR A 40 11.40 -7.94 8.88
N ARG A 41 10.77 -8.97 9.37
CA ARG A 41 9.64 -8.82 10.30
C ARG A 41 10.08 -8.07 11.54
N ARG A 42 11.24 -8.42 12.10
N ARG A 42 11.24 -8.39 12.10
CA ARG A 42 11.79 -7.75 13.27
CA ARG A 42 11.69 -7.69 13.29
C ARG A 42 12.06 -6.28 12.98
C ARG A 42 12.04 -6.24 12.98
N VAL A 43 12.62 -6.01 11.81
CA VAL A 43 12.83 -4.65 11.34
C VAL A 43 11.52 -3.89 11.37
N CYS A 44 10.47 -4.44 10.77
CA CYS A 44 9.19 -3.77 10.66
C CYS A 44 8.54 -3.52 12.01
N GLU A 45 8.69 -4.46 12.95
CA GLU A 45 8.10 -4.33 14.29
C GLU A 45 8.85 -3.34 15.13
N THR A 46 10.09 -2.96 14.76
CA THR A 46 10.92 -2.07 15.54
C THR A 46 11.33 -0.80 14.78
N ASN A 47 10.82 -0.63 13.56
CA ASN A 47 11.15 0.54 12.75
C ASN A 47 12.65 0.67 12.51
N ASP A 48 13.36 -0.45 12.32
CA ASP A 48 14.81 -0.42 12.08
C ASP A 48 15.11 -0.15 10.59
N LYS A 49 16.37 -0.14 10.26
CA LYS A 49 16.89 0.07 8.91
C LYS A 49 16.44 -1.10 8.01
N ALA A 50 16.26 -0.79 6.73
CA ALA A 50 15.85 -1.81 5.78
C ALA A 50 17.03 -2.81 5.57
N PRO A 51 16.72 -4.09 5.51
CA PRO A 51 17.81 -5.07 5.25
C PRO A 51 17.96 -5.37 3.81
N LEU A 52 19.23 -5.45 3.34
CA LEU A 52 19.56 -5.84 1.98
C LEU A 52 20.39 -7.13 2.10
N PHE A 53 19.81 -8.22 1.67
CA PHE A 53 20.43 -9.52 1.74
C PHE A 53 21.14 -9.77 0.43
N ASN A 54 22.48 -9.56 0.48
CA ASN A 54 23.34 -9.72 -0.68
C ASN A 54 23.85 -11.14 -0.93
N ASN A 55 23.60 -12.02 0.00
CA ASN A 55 24.15 -13.39 -0.05
C ASN A 55 23.05 -14.35 0.36
N LEU A 56 22.12 -14.54 -0.53
N LEU A 56 22.09 -14.57 -0.52
CA LEU A 56 20.91 -15.28 -0.28
CA LEU A 56 20.96 -15.47 -0.22
C LEU A 56 21.19 -16.77 -0.65
C LEU A 56 21.23 -16.82 -0.63
N ILE A 57 21.00 -17.71 0.28
CA ILE A 57 21.27 -19.14 0.03
C ILE A 57 20.30 -19.58 -1.09
N GLY A 58 20.86 -20.11 -2.20
CA GLY A 58 20.12 -20.50 -3.38
C GLY A 58 20.17 -19.53 -4.51
N MET A 59 20.79 -18.36 -4.33
N MET A 59 20.75 -18.36 -4.32
CA MET A 59 21.01 -17.38 -5.40
CA MET A 59 21.03 -17.54 -5.45
C MET A 59 21.94 -17.98 -6.44
C MET A 59 21.69 -18.40 -6.56
N LYS A 60 21.56 -17.94 -7.74
CA LYS A 60 22.35 -18.57 -8.82
C LYS A 60 22.28 -17.70 -10.02
N ASN A 61 23.38 -17.46 -10.73
CA ASN A 61 23.31 -16.75 -12.02
C ASN A 61 22.59 -15.44 -11.90
N GLY A 62 22.76 -14.80 -10.76
CA GLY A 62 22.29 -13.49 -10.58
C GLY A 62 20.91 -13.39 -9.99
N LEU A 63 20.18 -14.49 -9.80
CA LEU A 63 18.82 -14.40 -9.23
C LEU A 63 18.81 -15.04 -7.84
N PHE A 64 18.64 -14.28 -6.77
CA PHE A 64 18.53 -12.81 -6.66
C PHE A 64 18.92 -12.46 -5.24
N ARG A 65 19.19 -11.17 -5.04
CA ARG A 65 19.36 -10.54 -3.70
C ARG A 65 17.92 -10.15 -3.24
N ILE A 66 17.75 -9.82 -1.95
CA ILE A 66 16.43 -9.35 -1.47
C ILE A 66 16.62 -8.05 -0.70
N LEU A 67 15.74 -7.08 -0.96
CA LEU A 67 15.61 -5.91 -0.07
C LEU A 67 14.29 -6.04 0.69
N GLY A 68 14.36 -6.15 2.00
CA GLY A 68 13.14 -6.15 2.82
C GLY A 68 12.72 -4.77 3.25
N ALA A 69 11.45 -4.65 3.66
CA ALA A 69 10.95 -3.47 4.32
C ALA A 69 11.11 -2.19 3.47
N PRO A 70 10.85 -2.25 2.15
CA PRO A 70 11.11 -1.06 1.30
C PRO A 70 10.27 0.18 1.61
N GLY A 71 9.09 -0.02 2.19
CA GLY A 71 8.18 1.07 2.46
C GLY A 71 7.76 1.18 3.92
N SER A 72 8.59 0.64 4.80
CA SER A 72 8.29 0.63 6.23
C SER A 72 8.83 1.89 6.91
N LEU A 73 8.58 1.99 8.20
CA LEU A 73 8.84 3.21 8.97
C LEU A 73 10.24 3.29 9.49
N ARG A 74 10.74 4.52 9.63
CA ARG A 74 11.96 4.80 10.32
C ARG A 74 11.65 5.13 11.78
N LYS A 75 12.67 4.99 12.66
CA LYS A 75 12.45 5.10 14.08
C LYS A 75 12.15 6.51 14.49
N SER A 76 12.87 7.48 14.00
N SER A 76 12.88 7.43 13.95
CA SER A 76 12.66 8.88 14.43
CA SER A 76 12.77 8.83 14.32
C SER A 76 11.37 9.42 13.91
C SER A 76 11.46 9.50 13.86
N SER A 77 10.83 10.29 14.72
CA SER A 77 9.66 11.06 14.33
C SER A 77 9.93 11.99 13.15
N ALA A 78 11.08 12.58 13.11
CA ALA A 78 11.34 13.64 12.15
C ALA A 78 11.36 13.07 10.71
N ASP A 79 11.87 11.86 10.49
CA ASP A 79 11.89 11.27 9.17
C ASP A 79 11.16 9.92 9.17
N ARG A 80 10.12 9.82 9.98
CA ARG A 80 9.30 8.61 10.12
C ARG A 80 8.95 7.98 8.77
N TYR A 81 8.51 8.82 7.82
CA TYR A 81 8.02 8.37 6.53
C TYR A 81 9.05 8.54 5.43
N GLY A 82 10.36 8.63 5.83
CA GLY A 82 11.38 8.90 4.86
C GLY A 82 11.51 7.88 3.73
N ARG A 83 11.22 6.60 4.02
CA ARG A 83 11.30 5.62 2.94
C ARG A 83 10.21 5.90 1.90
N LEU A 84 9.03 6.30 2.32
N LEU A 84 9.01 6.31 2.30
CA LEU A 84 7.99 6.62 1.38
CA LEU A 84 7.94 6.70 1.35
C LEU A 84 8.39 7.89 0.63
C LEU A 84 8.35 7.95 0.59
N ALA A 85 8.94 8.90 1.31
CA ALA A 85 9.40 10.12 0.66
C ALA A 85 10.42 9.79 -0.45
N ARG A 86 11.30 8.81 -0.19
CA ARG A 86 12.30 8.39 -1.17
C ARG A 86 11.71 7.68 -2.37
N HIS A 87 10.45 7.22 -2.30
CA HIS A 87 9.76 6.71 -3.48
C HIS A 87 9.32 7.83 -4.43
N LEU A 88 9.37 9.10 -3.97
CA LEU A 88 8.63 10.17 -4.62
C LEU A 88 9.42 11.43 -4.85
N ALA A 89 10.72 11.46 -4.56
CA ALA A 89 11.59 12.64 -4.75
C ALA A 89 11.26 13.69 -3.70
N LEU A 90 10.57 13.35 -2.63
CA LEU A 90 10.26 14.28 -1.56
C LEU A 90 11.38 14.31 -0.53
N PRO A 91 11.56 15.44 0.19
CA PRO A 91 12.48 15.44 1.31
C PRO A 91 12.16 14.36 2.30
N PRO A 92 13.17 13.79 2.97
CA PRO A 92 12.91 12.66 3.87
C PRO A 92 12.07 13.01 5.12
N THR A 93 11.99 14.29 5.43
CA THR A 93 11.19 14.82 6.48
C THR A 93 9.73 15.11 6.07
N ALA A 94 9.35 14.74 4.85
CA ALA A 94 8.00 15.01 4.38
C ALA A 94 6.95 14.43 5.33
N SER A 95 5.86 15.21 5.53
CA SER A 95 4.76 14.73 6.28
C SER A 95 3.88 13.78 5.50
N MET A 96 3.02 13.07 6.19
N MET A 96 3.03 13.03 6.19
CA MET A 96 2.04 12.25 5.52
CA MET A 96 2.07 12.20 5.48
C MET A 96 1.14 13.03 4.61
C MET A 96 1.12 13.02 4.60
N ARG A 97 0.71 14.19 5.07
CA ARG A 97 -0.11 15.06 4.22
C ARG A 97 0.61 15.33 2.91
N GLU A 98 1.92 15.68 2.98
CA GLU A 98 2.68 15.96 1.78
C GLU A 98 2.83 14.75 0.87
N ILE A 99 3.05 13.58 1.44
CA ILE A 99 3.14 12.36 0.66
C ILE A 99 1.83 12.07 -0.04
N LEU A 100 0.73 12.14 0.68
CA LEU A 100 -0.58 11.84 0.09
C LEU A 100 -0.96 12.88 -0.94
N ASP A 101 -0.64 14.16 -0.69
CA ASP A 101 -0.90 15.20 -1.70
C ASP A 101 -0.08 14.89 -2.95
N LYS A 102 1.15 14.47 -2.82
CA LYS A 102 1.95 14.12 -4.00
C LYS A 102 1.28 13.00 -4.78
N MET A 103 0.81 11.97 -4.08
CA MET A 103 0.12 10.82 -4.69
C MET A 103 -1.18 11.19 -5.35
N LEU A 104 -1.87 12.24 -4.89
CA LEU A 104 -3.10 12.73 -5.47
C LEU A 104 -2.89 13.76 -6.58
N SER A 105 -1.69 14.33 -6.67
CA SER A 105 -1.48 15.49 -7.52
C SER A 105 -1.83 15.24 -8.98
N ALA A 106 -1.58 14.04 -9.50
CA ALA A 106 -1.85 13.71 -10.86
C ALA A 106 -3.32 13.59 -11.20
N SER A 107 -4.20 13.59 -10.19
N SER A 107 -4.19 13.49 -10.22
CA SER A 107 -5.62 13.42 -10.41
CA SER A 107 -5.58 13.24 -10.50
C SER A 107 -6.30 14.57 -11.18
C SER A 107 -6.15 14.29 -11.44
N ASP A 108 -5.78 15.78 -11.15
N ASP A 108 -5.73 15.54 -11.17
CA ASP A 108 -6.33 16.74 -12.15
CA ASP A 108 -6.18 16.75 -11.85
C ASP A 108 -5.17 17.27 -12.97
C ASP A 108 -5.42 17.11 -13.16
N MET A 109 -4.37 16.36 -13.48
CA MET A 109 -3.38 16.69 -14.49
C MET A 109 -3.60 15.80 -15.71
N PRO A 110 -3.23 16.29 -16.89
CA PRO A 110 -3.19 15.43 -18.05
C PRO A 110 -2.18 14.30 -17.80
N PRO A 111 -2.54 13.04 -18.16
CA PRO A 111 -1.53 11.99 -18.12
C PRO A 111 -0.31 12.35 -18.93
N ILE A 112 0.86 11.84 -18.53
CA ILE A 112 2.06 11.89 -19.35
C ILE A 112 2.35 10.47 -19.76
N PRO A 113 2.01 10.08 -21.00
CA PRO A 113 2.18 8.68 -21.37
C PRO A 113 3.64 8.29 -21.38
N PRO A 114 3.91 7.01 -21.22
CA PRO A 114 5.27 6.48 -21.20
C PRO A 114 5.94 6.60 -22.57
N THR A 115 7.25 6.53 -22.50
CA THR A 115 8.13 6.55 -23.68
C THR A 115 8.72 5.18 -23.89
N ILE A 116 8.60 4.65 -25.11
CA ILE A 116 9.21 3.38 -25.43
C ILE A 116 10.65 3.57 -25.78
N VAL A 117 11.53 2.81 -25.15
CA VAL A 117 12.92 2.78 -25.48
C VAL A 117 13.32 1.37 -25.88
N PRO A 118 14.43 1.22 -26.67
CA PRO A 118 14.72 -0.07 -27.26
C PRO A 118 15.26 -1.12 -26.29
N THR A 119 15.90 -0.67 -25.19
CA THR A 119 16.46 -1.63 -24.24
C THR A 119 16.61 -0.93 -22.90
N GLY A 120 16.98 -1.72 -21.91
CA GLY A 120 17.31 -1.21 -20.59
C GLY A 120 17.90 -2.27 -19.75
N PRO A 121 18.25 -1.89 -18.50
CA PRO A 121 18.90 -2.84 -17.61
C PRO A 121 18.17 -4.14 -17.37
N CYS A 122 16.84 -4.11 -17.43
CA CYS A 122 16.06 -5.33 -17.25
C CYS A 122 16.27 -6.39 -18.32
N LYS A 123 17.02 -6.02 -19.39
CA LYS A 123 17.32 -6.93 -20.49
C LYS A 123 18.73 -7.46 -20.39
N GLU A 124 19.46 -7.16 -19.30
CA GLU A 124 20.86 -7.64 -19.18
C GLU A 124 21.03 -9.14 -19.13
N ASN A 125 20.02 -9.87 -18.70
CA ASN A 125 20.05 -11.29 -18.65
C ASN A 125 18.67 -11.80 -19.00
N SER A 126 18.61 -13.02 -19.54
CA SER A 126 17.34 -13.68 -19.79
C SER A 126 17.44 -15.17 -19.62
N LEU A 127 16.26 -15.74 -19.35
CA LEU A 127 16.11 -17.20 -19.24
C LEU A 127 14.83 -17.55 -19.95
N ASP A 128 14.93 -18.42 -20.94
CA ASP A 128 13.79 -18.94 -21.59
C ASP A 128 13.15 -20.06 -20.81
N ASP A 129 12.06 -20.51 -21.46
N ASP A 129 12.02 -20.61 -21.29
CA ASP A 129 11.22 -21.59 -21.03
CA ASP A 129 11.27 -21.67 -20.54
C ASP A 129 11.92 -22.91 -20.69
C ASP A 129 12.11 -22.95 -20.30
N SER A 130 13.19 -23.12 -21.12
CA SER A 130 14.00 -24.32 -20.94
C SER A 130 15.12 -24.10 -19.97
N GLU A 131 15.26 -22.83 -19.48
CA GLU A 131 16.39 -22.42 -18.64
C GLU A 131 16.06 -22.02 -17.20
N PHE A 132 14.85 -21.72 -16.90
CA PHE A 132 14.51 -21.43 -15.52
C PHE A 132 13.61 -22.49 -14.93
N ASP A 133 13.59 -22.50 -13.59
CA ASP A 133 12.65 -23.30 -12.79
C ASP A 133 12.36 -22.48 -11.51
N LEU A 134 11.14 -22.04 -11.36
CA LEU A 134 10.79 -21.14 -10.25
C LEU A 134 11.01 -21.81 -8.93
N THR A 135 10.93 -23.18 -8.86
CA THR A 135 11.18 -23.89 -7.63
C THR A 135 12.65 -23.94 -7.26
N GLU A 136 13.52 -23.55 -8.17
CA GLU A 136 14.97 -23.61 -7.95
C GLU A 136 15.53 -22.21 -7.63
N LEU A 137 14.74 -21.16 -7.65
CA LEU A 137 15.13 -19.83 -7.25
C LEU A 137 15.00 -19.67 -5.74
N PRO A 138 15.70 -18.70 -5.15
CA PRO A 138 15.68 -18.51 -3.68
C PRO A 138 14.43 -17.70 -3.23
N VAL A 139 13.26 -18.16 -3.65
CA VAL A 139 12.04 -17.52 -3.31
C VAL A 139 11.80 -17.66 -1.80
N PRO A 140 11.40 -16.62 -1.08
CA PRO A 140 11.27 -16.73 0.34
C PRO A 140 10.02 -17.45 0.79
N LEU A 141 10.18 -18.20 1.89
CA LEU A 141 9.03 -18.59 2.75
C LEU A 141 8.97 -17.47 3.77
N ILE A 142 7.88 -16.73 3.76
CA ILE A 142 7.79 -15.47 4.54
C ILE A 142 7.27 -15.69 5.94
N HIS A 143 6.31 -16.61 6.13
CA HIS A 143 5.76 -16.92 7.41
C HIS A 143 5.72 -18.46 7.49
N LYS A 144 5.92 -19.02 8.68
N LYS A 144 5.98 -19.06 8.65
CA LYS A 144 6.13 -20.45 8.82
CA LYS A 144 6.17 -20.53 8.67
C LYS A 144 4.96 -21.31 8.30
C LYS A 144 4.95 -21.33 8.21
N SER A 145 3.73 -20.81 8.40
CA SER A 145 2.54 -21.50 7.96
C SER A 145 2.07 -21.17 6.57
N ASP A 146 2.82 -20.33 5.83
CA ASP A 146 2.36 -19.97 4.49
C ASP A 146 2.21 -21.19 3.62
N GLY A 147 1.23 -21.14 2.72
CA GLY A 147 0.96 -22.25 1.80
C GLY A 147 1.82 -22.29 0.56
N GLY A 148 2.83 -21.45 0.47
CA GLY A 148 3.73 -21.44 -0.65
C GLY A 148 4.80 -20.40 -0.42
N LYS A 149 5.77 -20.38 -1.32
N LYS A 149 5.79 -20.42 -1.33
CA LYS A 149 6.86 -19.41 -1.26
CA LYS A 149 6.92 -19.48 -1.38
C LYS A 149 6.41 -18.22 -2.08
C LYS A 149 6.41 -18.22 -2.11
N TYR A 150 6.21 -17.09 -1.37
CA TYR A 150 5.60 -15.90 -1.96
C TYR A 150 6.65 -15.05 -2.64
N ILE A 151 6.90 -15.37 -3.91
CA ILE A 151 7.80 -14.60 -4.76
C ILE A 151 7.33 -13.18 -4.91
N GLN A 152 6.02 -12.96 -4.87
CA GLN A 152 5.44 -11.67 -5.23
C GLN A 152 4.75 -11.06 -4.06
N THR A 153 5.48 -10.12 -3.45
CA THR A 153 4.96 -9.23 -2.41
C THR A 153 5.21 -7.76 -2.69
N TYR A 154 6.07 -7.40 -3.68
CA TYR A 154 6.33 -5.98 -3.90
C TYR A 154 6.68 -5.70 -5.37
N GLY A 155 6.29 -6.60 -6.27
CA GLY A 155 6.30 -6.32 -7.70
C GLY A 155 4.96 -5.84 -8.17
N MET A 156 4.93 -5.43 -9.43
CA MET A 156 3.76 -4.88 -10.07
C MET A 156 3.30 -5.81 -11.22
N HIS A 157 2.06 -6.25 -11.11
CA HIS A 157 1.40 -6.94 -12.23
C HIS A 157 0.99 -5.93 -13.28
N ILE A 158 1.21 -6.31 -14.52
CA ILE A 158 0.86 -5.51 -15.68
C ILE A 158 -0.11 -6.32 -16.53
N VAL A 159 -1.32 -5.83 -16.69
CA VAL A 159 -2.35 -6.41 -17.57
C VAL A 159 -3.02 -5.25 -18.28
N GLN A 160 -3.55 -5.56 -19.47
CA GLN A 160 -4.16 -4.60 -20.34
C GLN A 160 -5.54 -5.06 -20.74
N SER A 161 -6.50 -4.16 -20.85
CA SER A 161 -7.82 -4.48 -21.36
C SER A 161 -7.72 -5.08 -22.73
N PRO A 162 -8.66 -5.94 -23.12
CA PRO A 162 -8.63 -6.51 -24.50
C PRO A 162 -8.55 -5.44 -25.59
N ASP A 163 -9.21 -4.32 -25.41
CA ASP A 163 -9.26 -3.27 -26.43
C ASP A 163 -8.02 -2.42 -26.43
N GLY A 164 -7.07 -2.64 -25.51
CA GLY A 164 -5.82 -1.92 -25.50
C GLY A 164 -5.81 -0.59 -24.82
N THR A 165 -6.96 -0.13 -24.39
CA THR A 165 -7.09 1.25 -23.94
C THR A 165 -6.71 1.51 -22.51
N TRP A 166 -6.60 0.47 -21.70
CA TRP A 166 -6.23 0.60 -20.26
C TRP A 166 -5.20 -0.42 -19.93
N THR A 167 -4.06 0.04 -19.43
CA THR A 167 -3.01 -0.84 -18.90
C THR A 167 -2.89 -0.57 -17.40
N ASN A 168 -3.20 -1.58 -16.61
CA ASN A 168 -3.19 -1.43 -15.17
C ASN A 168 -1.90 -1.99 -14.57
N TRP A 169 -1.40 -1.27 -13.57
CA TRP A 169 -0.28 -1.65 -12.72
C TRP A 169 -0.79 -1.77 -11.29
N SER A 170 -0.58 -2.94 -10.67
CA SER A 170 -1.06 -3.14 -9.30
C SER A 170 -0.22 -4.19 -8.58
N ILE A 171 -0.22 -4.08 -7.26
CA ILE A 171 0.30 -5.11 -6.38
C ILE A 171 -0.83 -6.06 -6.00
N ALA A 172 -0.61 -7.35 -6.23
CA ALA A 172 -1.42 -8.46 -5.69
C ALA A 172 -0.48 -9.59 -5.43
N ARG A 173 -0.63 -10.31 -4.33
CA ARG A 173 0.32 -11.36 -3.94
C ARG A 173 0.27 -12.51 -4.93
N ALA A 174 1.39 -13.20 -5.00
CA ALA A 174 1.47 -14.47 -5.73
C ALA A 174 2.59 -15.31 -5.19
N MET A 175 2.38 -16.62 -5.30
CA MET A 175 3.32 -17.66 -4.80
C MET A 175 3.61 -18.62 -5.94
N VAL A 176 4.76 -19.31 -5.75
CA VAL A 176 5.19 -20.32 -6.74
C VAL A 176 4.24 -21.58 -6.63
N HIS A 177 3.72 -21.97 -7.77
CA HIS A 177 2.92 -23.21 -7.91
C HIS A 177 3.82 -24.38 -8.41
N ASP A 178 4.61 -24.17 -9.43
CA ASP A 178 5.54 -25.17 -9.95
C ASP A 178 6.57 -24.48 -10.74
N LYS A 179 7.37 -25.26 -11.52
CA LYS A 179 8.52 -24.67 -12.20
C LYS A 179 8.18 -23.50 -13.09
N ASN A 180 7.00 -23.39 -13.63
CA ASN A 180 6.67 -22.34 -14.56
C ASN A 180 5.28 -21.73 -14.31
N HIS A 181 4.78 -21.83 -13.08
CA HIS A 181 3.51 -21.18 -12.77
C HIS A 181 3.53 -20.57 -11.36
N LEU A 182 2.72 -19.51 -11.22
CA LEU A 182 2.38 -18.93 -9.93
C LEU A 182 0.88 -19.10 -9.70
N THR A 183 0.46 -19.03 -8.44
CA THR A 183 -0.94 -18.75 -8.12
C THR A 183 -1.01 -17.49 -7.31
N GLY A 184 -2.13 -16.78 -7.37
CA GLY A 184 -2.24 -15.55 -6.61
C GLY A 184 -3.66 -15.12 -6.44
N LEU A 185 -3.83 -14.10 -5.60
N LEU A 185 -3.79 -14.06 -5.69
CA LEU A 185 -5.13 -13.45 -5.45
CA LEU A 185 -5.07 -13.54 -5.25
C LEU A 185 -5.51 -12.55 -6.55
C LEU A 185 -5.57 -12.53 -6.35
N VAL A 186 -6.68 -12.85 -7.06
CA VAL A 186 -7.29 -11.98 -8.08
C VAL A 186 -8.77 -11.90 -7.76
N ILE A 187 -9.15 -10.89 -6.99
N ILE A 187 -9.16 -10.83 -7.09
CA ILE A 187 -10.47 -10.82 -6.41
CA ILE A 187 -10.45 -10.73 -6.43
C ILE A 187 -11.15 -9.47 -6.67
C ILE A 187 -11.16 -9.43 -6.76
N PRO A 188 -12.49 -9.47 -6.78
CA PRO A 188 -13.21 -8.21 -7.01
C PRO A 188 -13.06 -7.32 -5.76
N PRO A 189 -13.02 -6.00 -5.93
CA PRO A 189 -13.26 -5.23 -7.18
C PRO A 189 -11.91 -4.80 -7.84
N GLN A 190 -10.83 -5.49 -7.52
CA GLN A 190 -9.51 -5.03 -7.91
C GLN A 190 -9.37 -4.94 -9.41
N HIS A 191 -8.53 -4.02 -9.90
CA HIS A 191 -8.40 -3.84 -11.33
C HIS A 191 -7.84 -5.05 -12.08
N ILE A 192 -6.94 -5.81 -11.43
CA ILE A 192 -6.47 -7.03 -12.10
C ILE A 192 -7.64 -7.98 -12.33
N TRP A 193 -8.56 -8.07 -11.37
CA TRP A 193 -9.78 -8.84 -11.52
C TRP A 193 -10.71 -8.26 -12.58
N GLN A 194 -10.92 -6.94 -12.57
CA GLN A 194 -11.76 -6.36 -13.57
C GLN A 194 -11.28 -6.64 -14.99
N ILE A 195 -9.98 -6.48 -15.20
CA ILE A 195 -9.43 -6.79 -16.51
C ILE A 195 -9.51 -8.26 -16.82
N HIS A 196 -9.18 -9.12 -15.86
N HIS A 196 -9.18 -9.14 -15.86
CA HIS A 196 -9.33 -10.55 -16.08
CA HIS A 196 -9.36 -10.61 -16.02
C HIS A 196 -10.73 -10.90 -16.57
C HIS A 196 -10.75 -10.95 -16.52
N GLN A 197 -11.75 -10.32 -15.95
CA GLN A 197 -13.15 -10.57 -16.35
C GLN A 197 -13.41 -10.19 -17.80
N MET A 198 -12.80 -9.08 -18.23
CA MET A 198 -12.98 -8.71 -19.62
C MET A 198 -12.46 -9.77 -20.56
N TRP A 199 -11.29 -10.30 -20.30
CA TRP A 199 -10.72 -11.36 -21.09
C TRP A 199 -11.56 -12.65 -21.01
N LYS A 200 -12.06 -12.97 -19.84
N LYS A 200 -12.05 -12.98 -19.82
CA LYS A 200 -12.88 -14.17 -19.71
CA LYS A 200 -12.94 -14.16 -19.65
C LYS A 200 -14.15 -14.06 -20.49
C LYS A 200 -14.14 -14.04 -20.52
N LYS A 201 -14.80 -12.90 -20.51
CA LYS A 201 -16.00 -12.72 -21.30
C LYS A 201 -15.71 -12.75 -22.78
N GLU A 202 -14.58 -12.23 -23.24
CA GLU A 202 -14.18 -12.39 -24.61
C GLU A 202 -13.93 -13.86 -24.98
N GLY A 203 -13.36 -14.60 -24.04
CA GLY A 203 -13.31 -16.05 -24.14
C GLY A 203 -12.34 -16.65 -25.06
N ARG A 204 -11.47 -15.86 -25.72
CA ARG A 204 -10.60 -16.32 -26.76
C ARG A 204 -9.23 -16.69 -26.28
N SER A 205 -8.67 -15.98 -25.32
N SER A 205 -8.70 -16.00 -25.27
CA SER A 205 -7.33 -16.33 -24.88
CA SER A 205 -7.25 -15.97 -25.00
C SER A 205 -7.10 -15.98 -23.45
C SER A 205 -7.02 -15.84 -23.50
N ASP A 206 -6.02 -16.54 -22.94
CA ASP A 206 -5.48 -16.16 -21.63
C ASP A 206 -4.97 -14.71 -21.71
N VAL A 207 -4.84 -14.09 -20.55
CA VAL A 207 -4.52 -12.69 -20.48
C VAL A 207 -3.01 -12.48 -20.65
N PRO A 208 -2.52 -11.72 -21.64
CA PRO A 208 -1.10 -11.39 -21.65
C PRO A 208 -0.71 -10.69 -20.35
N TRP A 209 0.40 -11.05 -19.79
CA TRP A 209 0.78 -10.59 -18.45
C TRP A 209 2.26 -10.43 -18.33
N ALA A 210 2.65 -9.48 -17.47
CA ALA A 210 4.02 -9.38 -17.00
C ALA A 210 3.96 -9.01 -15.51
N LEU A 211 4.99 -9.41 -14.79
CA LEU A 211 5.16 -9.05 -13.38
C LEU A 211 6.58 -8.56 -13.25
N ALA A 212 6.70 -7.27 -12.91
CA ALA A 212 7.96 -6.60 -12.81
C ALA A 212 8.29 -6.28 -11.35
N PHE A 213 9.45 -6.73 -10.91
CA PHE A 213 9.93 -6.53 -9.56
C PHE A 213 11.02 -5.51 -9.56
N GLY A 214 11.09 -4.72 -8.49
CA GLY A 214 12.09 -3.65 -8.45
C GLY A 214 11.89 -2.64 -9.52
N VAL A 215 10.64 -2.15 -9.62
CA VAL A 215 10.25 -1.13 -10.56
C VAL A 215 10.56 0.26 -10.00
N PRO A 216 10.41 1.29 -10.80
CA PRO A 216 10.58 2.65 -10.25
C PRO A 216 9.75 2.80 -9.01
N PRO A 217 10.32 3.36 -7.94
CA PRO A 217 9.55 3.52 -6.72
C PRO A 217 8.27 4.29 -6.90
N ALA A 218 8.26 5.34 -7.71
CA ALA A 218 7.05 6.09 -7.89
C ALA A 218 5.94 5.20 -8.49
N ALA A 219 6.33 4.29 -9.37
CA ALA A 219 5.41 3.34 -9.97
C ALA A 219 4.84 2.34 -8.98
N ILE A 220 5.67 1.81 -8.03
CA ILE A 220 5.13 0.86 -7.06
C ILE A 220 4.16 1.55 -6.10
N MET A 221 4.38 2.84 -5.83
N MET A 221 4.38 2.86 -5.83
CA MET A 221 3.40 3.56 -5.02
CA MET A 221 3.40 3.65 -5.02
C MET A 221 2.06 3.64 -5.73
C MET A 221 2.05 3.69 -5.72
N ALA A 222 2.04 4.06 -7.03
CA ALA A 222 0.76 4.08 -7.75
C ALA A 222 0.15 2.71 -7.88
N SER A 223 0.99 1.68 -7.96
CA SER A 223 0.51 0.29 -8.06
C SER A 223 -0.30 -0.11 -6.82
N SER A 224 0.00 0.54 -5.67
N SER A 224 0.00 0.51 -5.66
CA SER A 224 -0.64 0.28 -4.40
CA SER A 224 -0.68 0.22 -4.42
C SER A 224 -1.83 1.17 -4.11
C SER A 224 -1.84 1.15 -4.12
N MET A 225 -2.15 2.07 -5.03
CA MET A 225 -3.18 3.08 -4.83
C MET A 225 -4.41 2.79 -5.69
N PRO A 226 -5.60 2.99 -5.16
CA PRO A 226 -6.82 2.74 -5.97
C PRO A 226 -7.19 3.96 -6.81
N ILE A 227 -6.32 4.31 -7.76
CA ILE A 227 -6.67 5.35 -8.71
C ILE A 227 -7.84 4.84 -9.56
N PRO A 228 -8.55 5.69 -10.30
CA PRO A 228 -9.83 5.27 -10.87
C PRO A 228 -9.77 4.16 -11.89
N ASP A 229 -10.92 3.51 -12.04
CA ASP A 229 -11.13 2.56 -13.12
C ASP A 229 -10.74 3.19 -14.45
N GLY A 230 -10.09 2.42 -15.31
CA GLY A 230 -9.80 2.82 -16.63
C GLY A 230 -8.58 3.72 -16.77
N VAL A 231 -7.93 4.10 -15.66
CA VAL A 231 -6.79 5.00 -15.69
C VAL A 231 -5.49 4.21 -15.71
N THR A 232 -4.68 4.38 -16.73
CA THR A 232 -3.42 3.73 -16.84
C THR A 232 -2.43 4.32 -15.86
N GLU A 233 -1.96 3.49 -14.92
CA GLU A 233 -1.04 3.96 -13.88
C GLU A 233 0.18 4.62 -14.48
N ALA A 234 0.74 4.10 -15.57
CA ALA A 234 1.98 4.71 -16.11
C ALA A 234 1.82 6.18 -16.39
N GLY A 235 0.69 6.62 -16.95
CA GLY A 235 0.48 8.01 -17.28
C GLY A 235 0.24 8.85 -16.08
N TYR A 236 -0.36 8.26 -15.02
CA TYR A 236 -0.59 8.93 -13.76
C TYR A 236 0.75 9.19 -13.09
N VAL A 237 1.60 8.16 -13.04
CA VAL A 237 2.93 8.34 -12.49
C VAL A 237 3.76 9.33 -13.28
N GLY A 238 3.62 9.31 -14.62
CA GLY A 238 4.28 10.30 -15.43
C GLY A 238 3.88 11.71 -15.03
N ALA A 239 2.58 11.94 -14.90
CA ALA A 239 2.13 13.25 -14.48
C ALA A 239 2.58 13.62 -13.08
N MET A 240 2.51 12.71 -12.13
N MET A 240 2.55 12.68 -12.15
CA MET A 240 2.92 13.00 -10.77
CA MET A 240 2.93 12.91 -10.76
C MET A 240 4.39 13.41 -10.74
C MET A 240 4.40 13.31 -10.63
N THR A 241 5.24 12.68 -11.43
CA THR A 241 6.68 12.90 -11.39
C THR A 241 7.13 14.01 -12.37
N GLY A 242 6.27 14.40 -13.26
CA GLY A 242 6.60 15.35 -14.30
C GLY A 242 7.44 14.80 -15.41
N SER A 243 7.57 13.51 -15.52
CA SER A 243 8.46 12.85 -16.45
C SER A 243 7.80 11.68 -17.09
N SER A 244 7.94 11.44 -18.39
CA SER A 244 7.44 10.25 -19.01
C SER A 244 8.30 9.04 -18.60
N LEU A 245 7.67 7.98 -18.12
CA LEU A 245 8.43 6.79 -17.75
C LEU A 245 8.94 6.06 -18.97
N GLU A 246 10.17 5.58 -18.91
CA GLU A 246 10.78 4.84 -19.98
C GLU A 246 10.42 3.35 -19.83
N LEU A 247 9.80 2.75 -20.81
CA LEU A 247 9.41 1.35 -20.80
C LEU A 247 10.04 0.65 -21.99
N VAL A 248 10.33 -0.63 -21.79
N VAL A 248 10.21 -0.65 -21.86
CA VAL A 248 10.77 -1.55 -22.86
CA VAL A 248 10.77 -1.50 -22.89
C VAL A 248 9.73 -2.65 -23.11
C VAL A 248 9.75 -2.64 -23.12
N LYS A 249 9.62 -3.09 -24.34
CA LYS A 249 8.68 -4.15 -24.65
C LYS A 249 9.20 -5.45 -24.04
N CYS A 250 8.25 -6.27 -23.56
CA CYS A 250 8.50 -7.65 -23.25
C CYS A 250 9.05 -8.35 -24.52
N ASP A 251 9.76 -9.46 -24.31
CA ASP A 251 10.23 -10.29 -25.44
C ASP A 251 9.16 -11.15 -26.03
N THR A 252 8.28 -11.72 -25.19
CA THR A 252 7.35 -12.71 -25.60
C THR A 252 5.94 -12.23 -25.72
N ASN A 253 5.68 -10.94 -25.38
CA ASN A 253 4.36 -10.34 -25.61
C ASN A 253 4.57 -8.87 -25.85
N ASP A 254 3.47 -8.17 -26.08
CA ASP A 254 3.55 -6.78 -26.46
C ASP A 254 3.24 -5.82 -25.30
N LEU A 255 3.34 -6.29 -24.08
CA LEU A 255 3.30 -5.43 -22.91
C LEU A 255 4.64 -4.72 -22.74
N TYR A 256 4.64 -3.66 -21.98
CA TYR A 256 5.78 -2.83 -21.75
C TYR A 256 6.10 -2.73 -20.26
N VAL A 257 7.35 -2.89 -19.92
CA VAL A 257 7.81 -2.91 -18.53
C VAL A 257 8.78 -1.80 -18.31
N PRO A 258 8.92 -1.30 -17.06
CA PRO A 258 9.92 -0.27 -16.80
C PRO A 258 11.30 -0.74 -17.22
N ALA A 259 12.05 0.16 -17.87
CA ALA A 259 13.35 -0.17 -18.41
C ALA A 259 14.34 -0.71 -17.39
N THR A 260 14.26 -0.13 -16.17
CA THR A 260 15.17 -0.45 -15.07
C THR A 260 14.61 -1.49 -14.12
N SER A 261 13.54 -2.19 -14.47
CA SER A 261 13.03 -3.25 -13.62
C SER A 261 14.18 -4.21 -13.26
N GLU A 262 14.22 -4.63 -11.98
CA GLU A 262 15.22 -5.60 -11.55
C GLU A 262 15.01 -6.97 -12.14
N ILE A 263 13.75 -7.46 -12.13
CA ILE A 263 13.38 -8.78 -12.59
C ILE A 263 12.04 -8.68 -13.27
N VAL A 264 11.86 -9.30 -14.41
CA VAL A 264 10.60 -9.33 -15.12
C VAL A 264 10.22 -10.77 -15.45
N LEU A 265 8.99 -11.13 -15.08
CA LEU A 265 8.38 -12.36 -15.54
C LEU A 265 7.40 -12.00 -16.64
N GLU A 266 7.43 -12.77 -17.76
CA GLU A 266 6.50 -12.58 -18.87
C GLU A 266 5.64 -13.86 -19.01
N GLY A 267 4.37 -13.72 -19.26
CA GLY A 267 3.59 -14.94 -19.48
C GLY A 267 2.14 -14.59 -19.63
N THR A 268 1.28 -15.44 -19.03
CA THR A 268 -0.16 -15.32 -19.15
C THR A 268 -0.83 -15.56 -17.83
N LEU A 269 -1.94 -14.88 -17.64
CA LEU A 269 -2.88 -15.11 -16.54
C LEU A 269 -4.06 -15.88 -17.12
N SER A 270 -4.27 -17.12 -16.63
CA SER A 270 -5.26 -18.00 -17.26
C SER A 270 -6.67 -17.44 -17.07
N ILE A 271 -7.50 -17.60 -18.12
CA ILE A 271 -8.94 -17.33 -18.00
C ILE A 271 -9.74 -18.57 -17.61
N SER A 272 -9.05 -19.72 -17.46
CA SER A 272 -9.74 -20.99 -17.18
C SER A 272 -9.19 -21.77 -15.96
N GLU A 273 -7.91 -21.70 -15.68
CA GLU A 273 -7.22 -22.58 -14.72
C GLU A 273 -7.11 -21.85 -13.41
N THR A 274 -7.11 -22.61 -12.35
CA THR A 274 -6.86 -22.18 -10.99
C THR A 274 -5.87 -23.11 -10.34
N GLY A 275 -5.34 -22.75 -9.19
CA GLY A 275 -4.58 -23.66 -8.41
C GLY A 275 -4.58 -23.22 -6.93
N PRO A 276 -4.07 -24.08 -6.05
CA PRO A 276 -4.06 -23.77 -4.62
C PRO A 276 -3.28 -22.50 -4.36
N GLU A 277 -3.84 -21.66 -3.51
CA GLU A 277 -3.23 -20.39 -3.13
C GLU A 277 -3.46 -20.13 -1.66
N GLY A 278 -2.43 -19.65 -0.97
CA GLY A 278 -2.52 -19.38 0.41
C GLY A 278 -2.45 -20.64 1.24
N PRO A 279 -2.58 -20.52 2.55
CA PRO A 279 -2.78 -19.26 3.25
C PRO A 279 -1.49 -18.41 3.29
N PHE A 280 -1.65 -17.19 3.69
CA PHE A 280 -0.59 -16.24 3.77
C PHE A 280 -0.75 -15.39 5.00
N GLY A 281 0.34 -15.05 5.67
CA GLY A 281 0.32 -14.06 6.74
C GLY A 281 0.09 -12.70 6.20
N GLU A 282 -1.07 -12.16 6.50
CA GLU A 282 -1.65 -11.01 5.79
C GLU A 282 -1.60 -9.72 6.64
N MET A 283 -2.05 -8.66 5.97
CA MET A 283 -1.96 -7.29 6.46
C MET A 283 -2.61 -7.05 7.79
N HIS A 284 -3.65 -7.84 8.16
CA HIS A 284 -4.30 -7.61 9.41
C HIS A 284 -3.63 -8.27 10.60
N GLY A 285 -2.56 -9.05 10.33
CA GLY A 285 -1.75 -9.63 11.38
C GLY A 285 -1.97 -11.10 11.63
N TYR A 286 -2.58 -11.85 10.73
CA TYR A 286 -2.97 -13.23 10.95
C TYR A 286 -2.59 -14.12 9.79
N ILE A 287 -2.42 -15.41 10.13
CA ILE A 287 -2.50 -16.47 9.15
C ILE A 287 -3.41 -17.56 9.75
N PHE A 288 -4.24 -18.15 8.91
CA PHE A 288 -5.11 -19.27 9.28
C PHE A 288 -4.51 -20.50 8.62
N PRO A 289 -3.67 -21.28 9.36
N PRO A 289 -3.70 -21.31 9.35
CA PRO A 289 -2.94 -22.36 8.71
CA PRO A 289 -2.97 -22.42 8.71
C PRO A 289 -3.91 -23.35 8.14
C PRO A 289 -3.82 -23.43 7.93
N GLY A 290 -3.54 -23.86 6.96
N GLY A 290 -5.10 -23.55 8.24
CA GLY A 290 -4.35 -24.80 6.24
CA GLY A 290 -5.99 -24.52 7.61
C GLY A 290 -5.44 -24.17 5.38
C GLY A 290 -6.54 -24.05 6.27
N ASP A 291 -5.94 -22.94 5.66
CA ASP A 291 -6.88 -22.25 4.78
C ASP A 291 -6.34 -21.98 3.41
N THR A 292 -6.16 -23.04 2.66
CA THR A 292 -5.90 -22.91 1.15
C THR A 292 -7.21 -22.86 0.32
N HIS A 293 -7.21 -22.05 -0.70
CA HIS A 293 -8.31 -21.85 -1.58
C HIS A 293 -7.81 -21.80 -2.96
N LEU A 294 -8.60 -21.99 -3.99
CA LEU A 294 -8.16 -21.90 -5.35
C LEU A 294 -7.95 -20.39 -5.63
N GLY A 295 -6.83 -20.07 -6.25
CA GLY A 295 -6.51 -18.75 -6.78
C GLY A 295 -6.28 -18.79 -8.24
N ALA A 296 -6.09 -17.61 -8.81
CA ALA A 296 -5.73 -17.43 -10.18
C ALA A 296 -4.39 -18.06 -10.46
N LYS A 297 -4.17 -18.50 -11.69
CA LYS A 297 -2.96 -19.24 -12.07
C LYS A 297 -2.30 -18.50 -13.24
N TYR A 298 -1.02 -18.23 -13.06
CA TYR A 298 -0.16 -17.53 -14.01
C TYR A 298 0.88 -18.48 -14.57
N LYS A 299 1.12 -18.45 -15.86
CA LYS A 299 2.15 -19.20 -16.53
C LYS A 299 3.27 -18.22 -16.87
N VAL A 300 4.49 -18.63 -16.52
CA VAL A 300 5.70 -17.84 -16.84
C VAL A 300 6.41 -18.46 -18.02
N ASN A 301 6.63 -17.66 -19.05
CA ASN A 301 7.30 -18.07 -20.27
C ASN A 301 8.72 -17.60 -20.39
N ARG A 302 9.10 -16.53 -19.69
CA ARG A 302 10.37 -15.92 -19.82
C ARG A 302 10.69 -15.10 -18.56
N ILE A 303 11.96 -15.08 -18.19
CA ILE A 303 12.46 -14.19 -17.13
C ILE A 303 13.54 -13.34 -17.72
N THR A 304 13.48 -12.01 -17.50
CA THR A 304 14.61 -11.14 -17.81
C THR A 304 15.01 -10.42 -16.55
N TYR A 305 16.26 -10.02 -16.41
CA TYR A 305 16.69 -9.44 -15.16
C TYR A 305 17.99 -8.65 -15.33
N ARG A 306 18.16 -7.70 -14.42
CA ARG A 306 19.39 -6.97 -14.25
C ARG A 306 20.51 -7.81 -13.72
N ASN A 307 21.76 -7.49 -14.10
CA ASN A 307 22.91 -8.02 -13.38
C ASN A 307 22.74 -7.70 -11.88
N ASN A 308 23.01 -8.69 -11.07
CA ASN A 308 22.96 -8.56 -9.60
C ASN A 308 21.56 -8.08 -9.15
N ALA A 309 20.55 -8.66 -9.78
CA ALA A 309 19.14 -8.30 -9.52
C ALA A 309 18.79 -8.37 -8.01
N ILE A 310 17.96 -7.43 -7.64
CA ILE A 310 17.43 -7.33 -6.28
C ILE A 310 15.89 -7.48 -6.32
N MET A 311 15.39 -8.42 -5.53
CA MET A 311 13.96 -8.62 -5.34
C MET A 311 13.51 -7.90 -4.07
N PRO A 312 12.59 -6.93 -4.17
CA PRO A 312 12.03 -6.37 -2.95
C PRO A 312 10.99 -7.32 -2.35
N MET A 313 10.89 -7.30 -1.03
CA MET A 313 10.00 -8.20 -0.27
C MET A 313 9.35 -7.47 0.86
N SER A 314 8.03 -7.68 1.00
CA SER A 314 7.28 -7.23 2.18
C SER A 314 7.01 -8.43 3.08
N SER A 315 7.59 -8.39 4.29
CA SER A 315 7.35 -9.39 5.31
C SER A 315 6.18 -8.90 6.15
N CYS A 316 4.96 -9.09 5.64
CA CYS A 316 3.80 -8.37 6.15
C CYS A 316 3.13 -9.07 7.30
N GLY A 317 2.39 -8.32 8.08
CA GLY A 317 1.70 -8.88 9.22
C GLY A 317 1.31 -7.79 10.22
N ARG A 318 1.66 -8.00 11.48
CA ARG A 318 1.47 -7.01 12.50
C ARG A 318 2.29 -5.75 12.24
N LEU A 319 1.91 -4.64 12.87
CA LEU A 319 2.48 -3.34 12.57
C LEU A 319 3.99 -3.35 12.66
N THR A 320 4.71 -2.60 11.79
CA THR A 320 4.22 -1.74 10.70
C THR A 320 4.97 -2.09 9.43
N ASP A 321 4.27 -2.32 8.34
CA ASP A 321 4.89 -2.63 7.08
C ASP A 321 4.17 -1.97 5.93
N GLU A 322 4.53 -2.32 4.71
CA GLU A 322 4.00 -1.75 3.50
C GLU A 322 2.49 -1.89 3.39
N THR A 323 1.96 -2.98 3.94
CA THR A 323 0.53 -3.21 3.88
C THR A 323 -0.25 -2.24 4.72
N HIS A 324 0.42 -1.52 5.63
CA HIS A 324 -0.20 -0.49 6.45
C HIS A 324 0.16 0.86 5.90
N THR A 325 1.46 1.12 5.69
CA THR A 325 1.91 2.43 5.27
C THR A 325 1.39 2.79 3.89
N MET A 326 1.31 1.83 2.99
CA MET A 326 0.92 2.07 1.61
C MET A 326 -0.55 1.75 1.38
N ILE A 327 -1.01 0.52 1.75
CA ILE A 327 -2.42 0.20 1.42
C ILE A 327 -3.32 1.18 2.14
N GLY A 328 -3.14 1.35 3.46
CA GLY A 328 -4.02 2.18 4.24
C GLY A 328 -3.96 3.62 3.82
N SER A 329 -2.74 4.16 3.73
CA SER A 329 -2.61 5.60 3.53
C SER A 329 -3.07 5.98 2.14
N LEU A 330 -2.75 5.15 1.14
CA LEU A 330 -3.11 5.50 -0.23
C LEU A 330 -4.61 5.34 -0.48
N ALA A 331 -5.24 4.36 0.17
CA ALA A 331 -6.72 4.27 0.12
C ALA A 331 -7.32 5.48 0.76
N ALA A 332 -6.79 5.91 1.94
CA ALA A 332 -7.28 7.07 2.59
C ALA A 332 -7.17 8.31 1.70
N ALA A 333 -6.04 8.48 1.00
CA ALA A 333 -5.85 9.59 0.09
C ALA A 333 -6.97 9.61 -0.96
N GLU A 334 -7.18 8.49 -1.62
CA GLU A 334 -8.20 8.41 -2.67
C GLU A 334 -9.58 8.69 -2.07
N ILE A 335 -9.88 8.19 -0.87
CA ILE A 335 -11.15 8.45 -0.22
C ILE A 335 -11.32 9.93 0.05
N ARG A 336 -10.26 10.64 0.48
CA ARG A 336 -10.36 12.08 0.70
C ARG A 336 -10.80 12.78 -0.56
N LYS A 337 -10.15 12.47 -1.68
CA LYS A 337 -10.51 13.06 -2.96
C LYS A 337 -11.92 12.70 -3.38
N LEU A 338 -12.31 11.45 -3.25
CA LEU A 338 -13.64 10.98 -3.60
C LEU A 338 -14.70 11.75 -2.81
N CYS A 339 -14.48 11.95 -1.51
CA CYS A 339 -15.41 12.69 -0.73
C CYS A 339 -15.55 14.13 -1.25
N GLN A 340 -14.41 14.76 -1.49
CA GLN A 340 -14.42 16.15 -2.01
C GLN A 340 -15.16 16.25 -3.35
N GLN A 341 -14.94 15.28 -4.22
CA GLN A 341 -15.60 15.29 -5.49
C GLN A 341 -17.08 15.07 -5.44
N ASN A 342 -17.57 14.51 -4.33
CA ASN A 342 -18.95 14.33 -4.03
C ASN A 342 -19.50 15.44 -3.16
N ASP A 343 -18.81 16.57 -3.07
CA ASP A 343 -19.28 17.74 -2.40
C ASP A 343 -19.34 17.57 -0.89
N LEU A 344 -18.58 16.65 -0.32
CA LEU A 344 -18.55 16.48 1.12
C LEU A 344 -17.39 17.31 1.67
N PRO A 345 -17.55 17.91 2.83
CA PRO A 345 -16.58 18.90 3.36
C PRO A 345 -15.44 18.19 4.14
N ILE A 346 -14.73 17.33 3.45
CA ILE A 346 -13.62 16.54 4.03
C ILE A 346 -12.31 17.20 3.65
N THR A 347 -11.43 17.48 4.61
CA THR A 347 -10.14 18.11 4.36
C THR A 347 -9.01 17.10 4.31
N ASP A 348 -9.10 16.02 5.06
CA ASP A 348 -8.01 15.11 5.31
C ASP A 348 -8.56 13.74 5.60
N ALA A 349 -7.79 12.71 5.26
CA ALA A 349 -8.18 11.34 5.58
C ALA A 349 -6.89 10.54 5.85
N PHE A 350 -6.97 9.62 6.81
CA PHE A 350 -5.85 8.77 7.11
C PHE A 350 -6.41 7.48 7.70
N ALA A 351 -5.74 6.36 7.47
CA ALA A 351 -6.15 5.06 8.09
C ALA A 351 -5.27 4.84 9.30
N PRO A 352 -5.79 5.01 10.53
CA PRO A 352 -4.93 4.85 11.70
C PRO A 352 -4.25 3.52 11.75
N PHE A 353 -2.96 3.50 12.03
CA PHE A 353 -2.26 2.24 12.20
C PHE A 353 -2.85 1.43 13.33
N GLU A 354 -3.31 2.08 14.39
CA GLU A 354 -3.90 1.43 15.52
C GLU A 354 -5.10 0.59 15.17
N SER A 355 -5.82 0.99 14.11
CA SER A 355 -6.97 0.25 13.62
C SER A 355 -6.59 -0.89 12.68
N GLN A 356 -5.28 -1.16 12.56
CA GLN A 356 -4.81 -2.14 11.59
C GLN A 356 -5.27 -1.75 10.17
N VAL A 357 -5.27 -0.41 9.94
CA VAL A 357 -5.69 0.25 8.70
C VAL A 357 -7.06 -0.22 8.21
N THR A 358 -7.95 -0.58 9.15
CA THR A 358 -9.33 -0.91 8.83
C THR A 358 -10.29 0.25 9.05
N TRP A 359 -9.82 1.30 9.70
CA TRP A 359 -10.60 2.53 9.83
C TRP A 359 -9.97 3.58 8.94
N VAL A 360 -10.80 4.55 8.52
CA VAL A 360 -10.28 5.82 8.00
C VAL A 360 -10.96 6.91 8.80
N ALA A 361 -10.14 7.83 9.32
CA ALA A 361 -10.61 9.02 9.96
C ALA A 361 -10.67 10.12 8.93
N LEU A 362 -11.81 10.81 8.89
CA LEU A 362 -12.13 11.87 7.94
C LEU A 362 -12.27 13.15 8.72
N ARG A 363 -11.39 14.10 8.46
CA ARG A 363 -11.43 15.41 9.09
C ARG A 363 -12.40 16.29 8.31
N VAL A 364 -13.33 16.89 9.04
CA VAL A 364 -14.41 17.66 8.46
C VAL A 364 -14.14 19.15 8.65
N ASP A 365 -14.36 19.92 7.55
CA ASP A 365 -14.41 21.39 7.61
C ASP A 365 -15.77 21.74 8.18
N THR A 366 -15.81 22.03 9.48
CA THR A 366 -17.07 22.16 10.14
C THR A 366 -17.76 23.48 9.84
N GLU A 367 -17.03 24.49 9.37
CA GLU A 367 -17.70 25.73 8.86
C GLU A 367 -18.57 25.31 7.68
N LYS A 368 -18.03 24.56 6.74
CA LYS A 368 -18.80 24.06 5.62
C LYS A 368 -19.93 23.17 6.06
N LEU A 369 -19.68 22.31 7.03
CA LEU A 369 -20.74 21.44 7.55
C LEU A 369 -21.88 22.29 8.08
N ARG A 370 -21.58 23.28 8.88
CA ARG A 370 -22.66 24.08 9.44
C ARG A 370 -23.53 24.71 8.36
N ALA A 371 -22.92 25.13 7.27
CA ALA A 371 -23.70 25.72 6.19
C ALA A 371 -24.62 24.71 5.49
N MET A 372 -24.34 23.43 5.58
CA MET A 372 -25.18 22.41 5.02
C MET A 372 -26.48 22.24 5.79
N LYS A 373 -26.55 22.68 7.04
CA LYS A 373 -27.75 22.62 7.85
C LYS A 373 -28.35 21.19 7.83
N THR A 374 -27.50 20.23 8.24
CA THR A 374 -27.83 18.84 8.21
C THR A 374 -27.69 18.27 9.64
N THR A 375 -27.82 16.94 9.70
CA THR A 375 -27.81 16.22 10.95
C THR A 375 -26.83 15.07 10.87
N SER A 376 -26.50 14.51 12.03
CA SER A 376 -25.57 13.38 12.03
C SER A 376 -26.10 12.22 11.22
N GLU A 377 -27.38 11.86 11.42
N GLU A 377 -27.36 11.80 11.39
CA GLU A 377 -27.95 10.68 10.73
CA GLU A 377 -27.78 10.60 10.69
C GLU A 377 -27.79 10.89 9.23
C GLU A 377 -27.78 10.86 9.18
N GLY A 378 -28.21 12.04 8.74
CA GLY A 378 -28.17 12.30 7.32
C GLY A 378 -26.77 12.33 6.77
N PHE A 379 -25.85 12.99 7.48
CA PHE A 379 -24.49 13.16 7.01
C PHE A 379 -23.73 11.83 7.00
N ARG A 380 -23.93 11.03 8.07
CA ARG A 380 -23.30 9.70 8.13
C ARG A 380 -23.72 8.86 7.01
N LYS A 381 -25.02 8.87 6.69
CA LYS A 381 -25.51 8.07 5.59
C LYS A 381 -24.91 8.52 4.29
N ARG A 382 -24.83 9.82 4.06
CA ARG A 382 -24.31 10.33 2.81
C ARG A 382 -22.85 9.94 2.63
N VAL A 383 -22.05 10.11 3.69
CA VAL A 383 -20.63 9.78 3.62
C VAL A 383 -20.45 8.28 3.39
N GLY A 384 -21.16 7.47 4.14
CA GLY A 384 -21.01 6.04 3.97
C GLY A 384 -21.44 5.56 2.61
N ASP A 385 -22.52 6.12 2.07
CA ASP A 385 -22.93 5.74 0.73
C ASP A 385 -21.84 6.04 -0.30
N VAL A 386 -21.27 7.21 -0.20
CA VAL A 386 -20.21 7.59 -1.16
C VAL A 386 -19.06 6.64 -1.05
N VAL A 387 -18.53 6.41 0.14
CA VAL A 387 -17.29 5.70 0.31
C VAL A 387 -17.49 4.18 0.18
N PHE A 388 -18.49 3.65 0.87
CA PHE A 388 -18.61 2.21 0.94
C PHE A 388 -19.18 1.60 -0.35
N ASN A 389 -19.76 2.41 -1.24
CA ASN A 389 -20.21 1.96 -2.55
C ASN A 389 -19.12 2.10 -3.58
N HIS A 390 -17.93 2.56 -3.23
CA HIS A 390 -16.86 2.79 -4.18
C HIS A 390 -15.70 1.85 -3.92
N LYS A 391 -14.97 1.46 -4.95
CA LYS A 391 -13.79 0.65 -4.79
C LYS A 391 -12.78 1.26 -3.83
N ALA A 392 -12.59 2.56 -3.78
CA ALA A 392 -11.60 3.12 -2.89
C ALA A 392 -11.94 2.78 -1.41
N GLY A 393 -13.22 2.56 -1.09
CA GLY A 393 -13.60 2.16 0.25
C GLY A 393 -13.51 0.68 0.55
N TYR A 394 -13.11 -0.14 -0.39
CA TYR A 394 -13.14 -1.60 -0.25
C TYR A 394 -12.55 -2.11 1.05
N THR A 395 -11.30 -1.70 1.36
CA THR A 395 -10.57 -2.25 2.46
C THR A 395 -10.97 -1.67 3.82
N ILE A 396 -11.81 -0.63 3.81
CA ILE A 396 -12.10 0.11 4.99
C ILE A 396 -13.48 -0.20 5.54
N HIS A 397 -13.52 -0.60 6.80
CA HIS A 397 -14.77 -1.02 7.43
C HIS A 397 -15.34 -0.03 8.42
N ARG A 398 -14.59 0.95 8.91
CA ARG A 398 -15.13 1.96 9.80
C ARG A 398 -14.63 3.31 9.35
N LEU A 399 -15.53 4.24 9.14
CA LEU A 399 -15.19 5.62 8.93
C LEU A 399 -15.45 6.39 10.20
N VAL A 400 -14.50 7.22 10.64
CA VAL A 400 -14.70 8.04 11.84
C VAL A 400 -14.69 9.49 11.40
N LEU A 401 -15.80 10.20 11.57
CA LEU A 401 -15.90 11.61 11.25
C LEU A 401 -15.42 12.41 12.44
N VAL A 402 -14.50 13.34 12.23
CA VAL A 402 -13.99 14.19 13.32
C VAL A 402 -13.95 15.61 12.84
N GLY A 403 -14.07 16.53 13.79
CA GLY A 403 -13.96 17.93 13.48
C GLY A 403 -12.55 18.46 13.35
N ASP A 404 -12.47 19.77 13.09
CA ASP A 404 -11.25 20.40 12.68
C ASP A 404 -10.17 20.43 13.70
N ASP A 405 -10.44 20.18 14.96
CA ASP A 405 -9.41 20.16 15.95
C ASP A 405 -8.54 18.92 15.93
N ILE A 406 -9.00 17.87 15.30
CA ILE A 406 -8.30 16.60 15.28
C ILE A 406 -7.38 16.48 14.09
N ASP A 407 -6.14 16.12 14.37
CA ASP A 407 -5.14 15.76 13.36
C ASP A 407 -5.33 14.28 13.06
N VAL A 408 -5.93 13.94 11.92
CA VAL A 408 -6.21 12.54 11.60
C VAL A 408 -4.97 11.71 11.36
N TYR A 409 -3.81 12.37 11.17
CA TYR A 409 -2.57 11.65 10.99
C TYR A 409 -1.99 11.21 12.32
N GLU A 410 -2.61 11.59 13.44
CA GLU A 410 -2.17 11.24 14.78
C GLU A 410 -3.17 10.29 15.42
N GLY A 411 -2.84 9.00 15.47
CA GLY A 411 -3.75 8.01 15.94
C GLY A 411 -4.22 8.24 17.35
N LYS A 412 -3.37 8.79 18.25
N LYS A 412 -3.38 8.78 18.24
CA LYS A 412 -3.82 9.05 19.63
CA LYS A 412 -3.85 8.95 19.58
C LYS A 412 -4.97 10.03 19.65
C LYS A 412 -5.00 9.98 19.61
N ASP A 413 -4.96 10.97 18.74
CA ASP A 413 -6.00 11.98 18.72
C ASP A 413 -7.29 11.44 18.11
N VAL A 414 -7.18 10.61 17.06
CA VAL A 414 -8.33 9.92 16.50
C VAL A 414 -8.97 9.04 17.54
N LEU A 415 -8.17 8.30 18.30
N LEU A 415 -8.17 8.28 18.29
CA LEU A 415 -8.74 7.41 19.31
CA LEU A 415 -8.76 7.40 19.29
C LEU A 415 -9.42 8.19 20.40
C LEU A 415 -9.42 8.19 20.40
N TRP A 416 -8.82 9.30 20.82
CA TRP A 416 -9.45 10.19 21.82
C TRP A 416 -10.80 10.64 21.30
N ALA A 417 -10.87 11.18 20.10
CA ALA A 417 -12.11 11.69 19.57
C ALA A 417 -13.17 10.59 19.41
N PHE A 418 -12.78 9.46 18.86
CA PHE A 418 -13.70 8.35 18.70
C PHE A 418 -14.31 7.94 20.00
N SER A 419 -13.45 7.82 21.05
N SER A 419 -13.46 7.80 21.04
CA SER A 419 -13.83 7.28 22.34
CA SER A 419 -13.87 7.23 22.29
C SER A 419 -14.70 8.22 23.14
C SER A 419 -14.70 8.20 23.12
N THR A 420 -14.59 9.49 22.86
CA THR A 420 -15.26 10.51 23.72
C THR A 420 -16.37 11.27 23.03
N ARG A 421 -16.46 11.21 21.68
CA ARG A 421 -17.41 12.01 20.93
C ARG A 421 -18.44 11.20 20.16
N CYS A 422 -18.24 9.91 19.98
CA CYS A 422 -19.16 9.07 19.24
C CYS A 422 -19.89 8.12 20.20
N ARG A 423 -21.18 8.36 20.44
CA ARG A 423 -21.98 7.47 21.27
C ARG A 423 -22.23 6.18 20.55
N PRO A 424 -21.80 5.05 21.09
CA PRO A 424 -22.02 3.77 20.42
C PRO A 424 -23.50 3.60 20.06
N GLY A 425 -23.75 3.10 18.85
CA GLY A 425 -25.11 2.86 18.39
C GLY A 425 -25.73 4.13 17.84
N MET A 426 -26.15 5.01 18.70
CA MET A 426 -26.88 6.19 18.29
C MET A 426 -26.14 7.08 17.30
N ASP A 427 -24.84 7.23 17.47
CA ASP A 427 -24.03 8.08 16.60
C ASP A 427 -23.37 7.30 15.47
N GLU A 428 -23.89 6.16 15.15
CA GLU A 428 -23.31 5.31 14.15
C GLU A 428 -24.38 4.84 13.17
N THR A 429 -23.95 4.56 11.94
CA THR A 429 -24.82 3.90 10.94
C THR A 429 -24.11 2.69 10.41
N LEU A 430 -24.73 1.55 10.53
CA LEU A 430 -24.21 0.31 10.02
C LEU A 430 -24.63 0.12 8.55
N PHE A 431 -23.73 -0.48 7.79
CA PHE A 431 -23.92 -0.75 6.37
C PHE A 431 -23.73 -2.23 6.13
N GLU A 432 -24.82 -2.97 5.91
CA GLU A 432 -24.76 -4.37 5.66
C GLU A 432 -24.81 -4.71 4.19
N ASP A 433 -25.25 -3.84 3.32
CA ASP A 433 -25.46 -4.12 1.93
C ASP A 433 -24.43 -3.39 1.07
N VAL A 434 -23.18 -3.56 1.43
CA VAL A 434 -22.02 -3.05 0.74
C VAL A 434 -20.99 -4.19 0.63
N ARG A 435 -20.06 -4.10 -0.30
CA ARG A 435 -19.00 -5.06 -0.38
C ARG A 435 -18.13 -5.01 0.86
N GLY A 436 -17.84 -6.14 1.45
CA GLY A 436 -16.92 -6.29 2.56
C GLY A 436 -15.55 -6.80 2.13
N PHE A 437 -14.55 -6.59 2.99
CA PHE A 437 -13.16 -7.00 2.71
C PHE A 437 -12.92 -8.32 3.41
N PRO A 438 -12.91 -9.43 2.66
CA PRO A 438 -12.89 -10.74 3.34
C PRO A 438 -11.66 -11.03 4.07
N LEU A 439 -10.52 -10.42 3.80
N LEU A 439 -10.55 -10.37 3.79
CA LEU A 439 -9.26 -10.72 4.47
CA LEU A 439 -9.27 -10.56 4.39
C LEU A 439 -9.30 -10.25 5.94
C LEU A 439 -9.32 -10.26 5.90
N ILE A 440 -10.18 -9.31 6.32
CA ILE A 440 -10.26 -8.99 7.75
C ILE A 440 -10.76 -10.23 8.47
N PRO A 441 -10.15 -10.68 9.56
CA PRO A 441 -10.60 -11.96 10.18
C PRO A 441 -12.05 -11.98 10.52
N TYR A 442 -12.59 -10.92 11.05
CA TYR A 442 -14.02 -10.88 11.41
C TYR A 442 -14.94 -10.99 10.22
N MET A 443 -14.44 -10.87 9.00
CA MET A 443 -15.17 -11.04 7.76
C MET A 443 -15.03 -12.48 7.31
N GLY A 444 -13.90 -12.84 6.68
CA GLY A 444 -13.73 -14.13 6.10
C GLY A 444 -13.72 -15.32 7.04
N HIS A 445 -13.31 -15.05 8.30
CA HIS A 445 -13.29 -16.07 9.33
C HIS A 445 -14.26 -15.75 10.46
N GLY A 446 -15.27 -14.92 10.19
CA GLY A 446 -16.19 -14.44 11.19
C GLY A 446 -17.53 -15.07 11.19
N ASN A 447 -18.48 -14.39 11.82
CA ASN A 447 -19.82 -14.88 12.06
C ASN A 447 -20.84 -14.57 10.98
N GLY A 448 -20.48 -13.76 9.99
CA GLY A 448 -21.38 -13.34 8.96
C GLY A 448 -20.83 -13.56 7.59
N PRO A 449 -21.54 -13.00 6.57
CA PRO A 449 -21.09 -13.15 5.20
C PRO A 449 -19.68 -12.59 5.02
N ALA A 450 -18.82 -13.37 4.34
CA ALA A 450 -17.42 -12.97 4.18
C ALA A 450 -17.28 -11.73 3.31
N HIS A 451 -18.20 -11.55 2.36
CA HIS A 451 -18.05 -10.57 1.29
C HIS A 451 -19.00 -9.41 1.34
N ARG A 452 -19.84 -9.35 2.39
CA ARG A 452 -20.89 -8.34 2.44
C ARG A 452 -21.01 -7.81 3.82
N GLY A 453 -21.13 -6.51 3.94
CA GLY A 453 -21.52 -5.83 5.18
C GLY A 453 -20.34 -5.69 6.15
N GLY A 454 -20.73 -5.49 7.39
CA GLY A 454 -19.75 -5.29 8.45
C GLY A 454 -19.12 -3.91 8.47
N LYS A 455 -19.74 -2.92 7.87
CA LYS A 455 -19.17 -1.60 7.79
C LYS A 455 -19.99 -0.61 8.61
N VAL A 456 -19.36 0.47 9.02
CA VAL A 456 -19.99 1.44 9.91
C VAL A 456 -19.41 2.81 9.67
N VAL A 457 -20.26 3.83 9.76
CA VAL A 457 -19.83 5.19 9.92
C VAL A 457 -20.05 5.61 11.36
N SER A 458 -19.01 6.02 12.02
CA SER A 458 -19.02 6.46 13.41
C SER A 458 -18.81 7.95 13.45
N ASP A 459 -19.83 8.67 13.88
CA ASP A 459 -19.77 10.12 13.88
C ASP A 459 -19.20 10.63 15.21
N ALA A 460 -17.96 11.11 15.19
CA ALA A 460 -17.30 11.73 16.32
C ALA A 460 -17.35 13.26 16.20
N LEU A 461 -18.26 13.81 15.39
CA LEU A 461 -18.61 15.21 15.48
C LEU A 461 -19.56 15.43 16.63
N MET A 462 -19.36 16.45 17.41
CA MET A 462 -20.23 16.77 18.50
C MET A 462 -21.43 17.58 17.98
N PRO A 463 -22.55 17.62 18.75
CA PRO A 463 -23.79 18.21 18.18
C PRO A 463 -23.62 19.61 17.70
N THR A 464 -22.92 20.49 18.44
CA THR A 464 -22.87 21.87 18.02
C THR A 464 -21.98 22.04 16.83
N GLU A 465 -21.19 21.05 16.44
CA GLU A 465 -20.41 21.17 15.24
C GLU A 465 -21.26 21.23 13.98
N TYR A 466 -22.50 20.75 14.08
CA TYR A 466 -23.47 20.86 12.99
C TYR A 466 -24.26 22.16 12.99
N THR A 467 -24.22 22.92 14.07
CA THR A 467 -25.13 24.08 14.30
C THR A 467 -24.31 25.34 14.44
N THR A 468 -23.85 25.62 15.65
CA THR A 468 -23.32 26.91 16.01
C THR A 468 -21.78 26.94 16.23
N GLY A 469 -21.15 25.76 16.32
CA GLY A 469 -19.70 25.70 16.45
C GLY A 469 -19.28 24.94 17.73
N ARG A 470 -18.05 24.51 17.74
CA ARG A 470 -17.49 23.82 18.90
C ARG A 470 -17.73 24.60 20.17
N ASN A 471 -18.14 23.89 21.22
CA ASN A 471 -18.56 24.48 22.49
C ASN A 471 -17.75 24.00 23.70
N TRP A 472 -16.57 23.44 23.43
CA TRP A 472 -15.66 23.03 24.45
C TRP A 472 -14.26 23.58 24.19
N GLU A 473 -13.42 23.47 25.23
CA GLU A 473 -11.98 23.54 25.12
C GLU A 473 -11.40 22.25 25.65
N ALA A 474 -10.29 21.79 25.10
CA ALA A 474 -9.69 20.59 25.66
C ALA A 474 -9.08 20.92 27.04
N ALA A 475 -9.13 19.93 27.91
CA ALA A 475 -8.48 19.93 29.20
C ALA A 475 -7.06 19.39 29.01
N ASP A 476 -6.26 20.17 28.27
CA ASP A 476 -4.89 19.86 27.97
C ASP A 476 -4.02 21.07 28.20
N PHE A 477 -2.71 20.87 28.16
CA PHE A 477 -1.80 21.98 28.35
C PHE A 477 -2.06 23.07 27.30
N ASN A 478 -2.24 22.66 26.05
CA ASN A 478 -2.37 23.59 24.95
C ASN A 478 -3.57 24.51 25.13
N GLN A 479 -4.73 23.96 25.53
CA GLN A 479 -5.97 24.70 25.45
C GLN A 479 -6.49 25.20 26.77
N SER A 480 -5.95 24.73 27.88
N SER A 480 -6.02 24.72 27.92
CA SER A 480 -6.52 25.07 29.14
CA SER A 480 -6.57 25.17 29.20
C SER A 480 -5.75 26.15 29.90
C SER A 480 -5.76 26.23 29.92
N TYR A 481 -4.73 26.73 29.25
CA TYR A 481 -3.86 27.73 29.87
C TYR A 481 -3.57 28.84 28.84
N PRO A 482 -3.45 30.10 29.26
CA PRO A 482 -3.17 31.16 28.30
C PRO A 482 -1.78 31.04 27.74
N GLU A 483 -1.59 31.69 26.56
CA GLU A 483 -0.32 31.67 25.87
C GLU A 483 0.84 32.09 26.71
N ASP A 484 0.72 33.20 27.44
N ASP A 484 0.73 33.23 27.40
CA ASP A 484 1.89 33.70 28.17
CA ASP A 484 1.88 33.75 28.15
C ASP A 484 2.36 32.78 29.29
C ASP A 484 2.35 32.74 29.23
N LEU A 485 1.38 32.11 29.89
CA LEU A 485 1.66 31.17 30.96
C LEU A 485 2.30 29.93 30.38
N LYS A 486 1.76 29.42 29.29
CA LYS A 486 2.39 28.26 28.66
C LYS A 486 3.84 28.50 28.34
N GLN A 487 4.11 29.68 27.75
CA GLN A 487 5.50 30.00 27.34
C GLN A 487 6.40 30.11 28.55
N LYS A 488 5.91 30.71 29.63
CA LYS A 488 6.66 30.81 30.88
C LYS A 488 7.03 29.40 31.42
N VAL A 489 6.03 28.52 31.45
CA VAL A 489 6.27 27.16 31.87
C VAL A 489 7.35 26.48 31.05
N LEU A 490 7.21 26.60 29.72
CA LEU A 490 8.19 26.04 28.85
C LEU A 490 9.59 26.60 29.04
N ASP A 491 9.63 27.93 29.19
CA ASP A 491 10.94 28.60 29.31
C ASP A 491 11.62 28.22 30.63
N ASN A 492 10.84 27.91 31.68
CA ASN A 492 11.40 27.61 33.00
C ASN A 492 11.52 26.11 33.27
N TRP A 493 11.16 25.29 32.30
CA TRP A 493 10.99 23.84 32.52
C TRP A 493 12.24 23.13 32.99
N THR A 494 13.31 23.32 32.26
CA THR A 494 14.57 22.65 32.68
C THR A 494 15.16 23.31 33.96
N LYS A 495 15.05 24.63 34.12
CA LYS A 495 15.55 25.42 35.30
C LYS A 495 15.04 24.90 36.66
N MET A 496 13.67 24.58 36.52
CA MET A 496 12.79 24.03 37.64
C MET A 496 13.27 22.66 38.07
N GLY A 497 13.77 21.87 37.11
CA GLY A 497 14.21 20.45 37.22
C GLY A 497 13.61 19.34 36.39
N PHE A 498 12.76 19.68 35.43
CA PHE A 498 12.05 18.72 34.58
C PHE A 498 12.89 18.34 33.36
N SER A 499 12.47 17.39 32.55
CA SER A 499 13.17 16.85 31.36
C SER A 499 12.72 17.57 30.17
N HIS A 503 15.43 15.63 21.53
CA HIS A 503 15.64 16.61 20.43
C HIS A 503 14.83 16.17 19.26
N HIS A 504 14.35 17.15 18.52
CA HIS A 504 13.52 16.92 17.41
C HIS A 504 14.09 15.91 16.45
N HIS A 505 15.36 16.00 16.05
CA HIS A 505 15.89 15.01 15.03
C HIS A 505 16.36 13.61 15.58
N HIS A 506 16.25 13.38 16.91
CA HIS A 506 16.81 12.14 17.57
#